data_6NEL
#
_entry.id   6NEL
#
_cell.length_a   88.250
_cell.length_b   101.270
_cell.length_c   66.570
_cell.angle_alpha   90.000
_cell.angle_beta   90.000
_cell.angle_gamma   90.000
#
_symmetry.space_group_name_H-M   'C 2 2 21'
#
loop_
_entity.id
_entity.type
_entity.pdbx_description
1 polymer 'Polymerase acidic protein'
2 non-polymer 'MANGANESE (II) ION'
3 non-polymer 'MAGNESIUM ION'
4 non-polymer '4-[2-(4-fluorophenyl)-5-hydroxy-6-oxo-1,6-dihydropyridin-3-yl]benzoic acid'
5 non-polymer 'SULFATE ION'
6 water water
#
_entity_poly.entity_id   1
_entity_poly.type   'polypeptide(L)'
_entity_poly.pdbx_seq_one_letter_code
;MAHHHHHHSRAWRHPQFGGHHHHHHALEVLFQGPLGSMEDFVRQCFNPMIVELAEKAMKEYGEDPKIETNKFAAICTHLE
VCFMYSDFHFIDERGESIIVESGDPNALLKHRFEIIEGRDRIMAWTVVNSICNTTGVEKPKFLPDLYDYKENRFIEIGVT
RREVHIYYLEKANKIKSEKTHIHIFSFTGEEMATKADYTLDEESRARIKTRLFTIRQEMASRSLWDSFRQSERGEETVEE
R
;
_entity_poly.pdbx_strand_id   A
#
# COMPACT_ATOMS: atom_id res chain seq x y z
N GLY A 33 -16.31 -12.19 -23.48
CA GLY A 33 -15.75 -11.09 -24.31
C GLY A 33 -14.31 -11.33 -24.71
N PRO A 34 -13.72 -10.38 -25.42
CA PRO A 34 -12.32 -10.51 -25.81
C PRO A 34 -11.38 -10.36 -24.62
N LEU A 35 -10.29 -11.11 -24.66
CA LEU A 35 -9.30 -11.05 -23.59
C LEU A 35 -8.35 -9.89 -23.83
N GLY A 36 -8.34 -8.93 -22.91
CA GLY A 36 -7.41 -7.84 -22.97
C GLY A 36 -6.04 -8.21 -22.40
N SER A 37 -5.10 -7.29 -22.52
CA SER A 37 -3.77 -7.47 -21.98
C SER A 37 -3.66 -6.74 -20.64
N MET A 38 -2.99 -7.37 -19.68
CA MET A 38 -2.78 -6.73 -18.39
C MET A 38 -1.98 -5.44 -18.54
N GLU A 39 -1.07 -5.40 -19.52
CA GLU A 39 -0.32 -4.18 -19.83
C GLU A 39 -1.28 -3.02 -20.09
N ASP A 40 -2.19 -3.20 -21.05
CA ASP A 40 -3.14 -2.14 -21.37
C ASP A 40 -3.92 -1.71 -20.14
N PHE A 41 -4.33 -2.67 -19.30
CA PHE A 41 -5.11 -2.33 -18.10
C PHE A 41 -4.32 -1.42 -17.18
N VAL A 42 -3.08 -1.79 -16.88
CA VAL A 42 -2.26 -1.03 -15.93
C VAL A 42 -2.05 0.40 -16.41
N ARG A 43 -1.68 0.57 -17.68
CA ARG A 43 -1.35 1.90 -18.17
C ARG A 43 -2.59 2.79 -18.28
N GLN A 44 -3.76 2.20 -18.47
CA GLN A 44 -4.99 2.98 -18.61
C GLN A 44 -5.68 3.29 -17.30
N CYS A 45 -5.68 2.36 -16.34
CA CYS A 45 -6.37 2.56 -15.07
C CYS A 45 -5.51 3.03 -13.90
N PHE A 46 -4.19 3.13 -14.03
CA PHE A 46 -3.33 3.63 -12.95
C PHE A 46 -2.65 4.93 -13.37
N ASN A 47 -2.47 5.82 -12.40
CA ASN A 47 -1.80 7.08 -12.64
C ASN A 47 -0.39 6.84 -13.17
N PRO A 48 0.10 7.66 -14.11
CA PRO A 48 1.46 7.43 -14.65
C PRO A 48 2.53 7.39 -13.58
N MET A 49 2.40 8.19 -12.52
CA MET A 49 3.40 8.18 -11.45
C MET A 49 3.50 6.79 -10.83
N ILE A 50 2.34 6.21 -10.49
CA ILE A 50 2.33 4.88 -9.89
C ILE A 50 2.95 3.85 -10.82
N VAL A 51 2.57 3.89 -12.10
CA VAL A 51 3.11 2.94 -13.07
C VAL A 51 4.62 3.07 -13.15
N GLU A 52 5.13 4.30 -13.19
CA GLU A 52 6.57 4.50 -13.31
C GLU A 52 7.30 3.97 -12.09
N LEU A 53 6.81 4.30 -10.89
CA LEU A 53 7.43 3.79 -9.67
C LEU A 53 7.39 2.27 -9.64
N ALA A 54 6.29 1.68 -10.12
CA ALA A 54 6.19 0.22 -10.16
C ALA A 54 7.18 -0.37 -11.15
N GLU A 55 7.35 0.27 -12.30
CA GLU A 55 8.31 -0.21 -13.29
C GLU A 55 9.73 -0.15 -12.74
N LYS A 56 10.09 0.97 -12.11
CA LYS A 56 11.43 1.10 -11.54
C LYS A 56 11.68 0.03 -10.49
N ALA A 57 10.68 -0.24 -9.65
CA ALA A 57 10.84 -1.26 -8.62
C ALA A 57 11.11 -2.63 -9.23
N MET A 58 10.27 -3.05 -10.18
CA MET A 58 10.46 -4.36 -10.80
C MET A 58 11.84 -4.46 -11.44
N LYS A 59 12.30 -3.38 -12.09
CA LYS A 59 13.64 -3.37 -12.67
C LYS A 59 14.70 -3.57 -11.60
N GLU A 60 14.51 -2.94 -10.44
CA GLU A 60 15.51 -3.02 -9.38
C GLU A 60 15.69 -4.45 -8.88
N TYR A 61 14.60 -5.22 -8.84
CA TYR A 61 14.67 -6.61 -8.38
C TYR A 61 14.87 -7.61 -9.50
N GLY A 62 14.94 -7.15 -10.76
CA GLY A 62 15.27 -8.03 -11.86
C GLY A 62 14.10 -8.75 -12.51
N GLU A 63 12.95 -8.11 -12.58
CA GLU A 63 11.79 -8.68 -13.23
C GLU A 63 11.26 -7.69 -14.25
N ASP A 64 10.80 -8.21 -15.38
CA ASP A 64 10.35 -7.37 -16.49
C ASP A 64 8.85 -7.12 -16.37
N PRO A 65 8.39 -5.88 -16.31
CA PRO A 65 6.94 -5.64 -16.21
C PRO A 65 6.15 -6.27 -17.33
N LYS A 66 6.74 -6.44 -18.51
CA LYS A 66 6.00 -6.96 -19.65
C LYS A 66 5.91 -8.48 -19.68
N ILE A 67 6.57 -9.17 -18.75
CA ILE A 67 6.45 -10.62 -18.63
C ILE A 67 5.72 -11.00 -17.34
N GLU A 68 6.14 -10.45 -16.21
CA GLU A 68 5.45 -10.67 -14.93
C GLU A 68 4.34 -9.62 -14.79
N THR A 69 3.33 -9.77 -15.63
CA THR A 69 2.30 -8.75 -15.76
C THR A 69 1.32 -8.77 -14.59
N ASN A 70 0.94 -9.96 -14.12
CA ASN A 70 0.10 -10.04 -12.93
C ASN A 70 0.79 -9.40 -11.73
N LYS A 71 2.08 -9.66 -11.58
CA LYS A 71 2.84 -9.01 -10.51
C LYS A 71 2.94 -7.51 -10.73
N PHE A 72 3.07 -7.09 -11.98
CA PHE A 72 3.08 -5.66 -12.30
C PHE A 72 1.81 -4.99 -11.80
N ALA A 73 0.65 -5.58 -12.12
CA ALA A 73 -0.62 -5.03 -11.66
C ALA A 73 -0.76 -5.08 -10.15
N ALA A 74 -0.23 -6.13 -9.51
CA ALA A 74 -0.30 -6.23 -8.06
C ALA A 74 0.56 -5.18 -7.39
N ILE A 75 1.73 -4.88 -7.94
CA ILE A 75 2.60 -3.84 -7.38
C ILE A 75 1.92 -2.48 -7.48
N CYS A 76 1.30 -2.18 -8.63
CA CYS A 76 0.61 -0.92 -8.79
C CYS A 76 -0.55 -0.80 -7.82
N THR A 77 -1.33 -1.87 -7.67
CA THR A 77 -2.45 -1.86 -6.72
C THR A 77 -1.96 -1.60 -5.30
N HIS A 78 -0.96 -2.37 -4.85
CA HIS A 78 -0.41 -2.19 -3.51
C HIS A 78 0.09 -0.77 -3.31
N LEU A 79 0.84 -0.24 -4.29
CA LEU A 79 1.37 1.10 -4.14
C LEU A 79 0.26 2.14 -4.06
N GLU A 80 -0.77 2.01 -4.89
CA GLU A 80 -1.87 2.95 -4.83
C GLU A 80 -2.58 2.90 -3.48
N VAL A 81 -2.72 1.68 -2.92
CA VAL A 81 -3.33 1.57 -1.59
C VAL A 81 -2.47 2.31 -0.57
N CYS A 82 -1.15 2.21 -0.68
CA CYS A 82 -0.27 2.93 0.23
C CYS A 82 -0.49 4.44 0.12
N PHE A 83 -0.59 4.97 -1.10
CA PHE A 83 -0.84 6.39 -1.28
C PHE A 83 -2.21 6.78 -0.75
N MET A 84 -3.25 6.01 -1.08
CA MET A 84 -4.59 6.32 -0.61
C MET A 84 -4.68 6.25 0.91
N TYR A 85 -3.93 5.34 1.52
CA TYR A 85 -3.89 5.24 2.98
C TYR A 85 -3.40 6.54 3.61
N SER A 86 -2.48 7.24 2.94
CA SER A 86 -1.88 8.46 3.47
C SER A 86 -2.58 9.72 2.99
N ASP A 87 -3.32 9.66 1.87
CA ASP A 87 -3.95 10.85 1.31
C ASP A 87 -4.83 11.53 2.35
N PHE A 88 -4.67 12.86 2.45
CA PHE A 88 -5.57 13.75 3.18
C PHE A 88 -5.33 13.75 4.68
N HIS A 89 -4.41 12.96 5.21
CA HIS A 89 -4.17 12.88 6.65
C HIS A 89 -3.01 13.77 7.03
N PHE A 90 -3.27 14.73 7.92
CA PHE A 90 -2.27 15.69 8.36
C PHE A 90 -2.28 15.75 9.87
N ILE A 91 -1.34 16.52 10.41
CA ILE A 91 -1.31 16.88 11.83
C ILE A 91 -1.32 18.40 11.91
N ASP A 92 -2.25 18.93 12.70
CA ASP A 92 -2.54 20.36 12.66
C ASP A 92 -1.59 21.12 13.59
N GLU A 93 -1.85 22.42 13.76
CA GLU A 93 -1.01 23.24 14.63
C GLU A 93 -0.99 22.73 16.07
N ARG A 94 -2.09 22.16 16.54
CA ARG A 94 -2.15 21.65 17.91
C ARG A 94 -1.46 20.30 18.07
N GLY A 95 -1.07 19.65 16.98
CA GLY A 95 -0.38 18.38 17.06
C GLY A 95 -1.26 17.15 17.10
N GLU A 96 -2.47 17.22 16.56
CA GLU A 96 -3.39 16.10 16.50
C GLU A 96 -3.80 15.84 15.07
N SER A 97 -4.44 14.70 14.84
CA SER A 97 -4.73 14.24 13.48
C SER A 97 -6.02 14.85 12.97
N ILE A 98 -6.03 15.17 11.68
CA ILE A 98 -7.22 15.72 11.02
C ILE A 98 -7.15 15.37 9.53
N ILE A 99 -8.31 15.41 8.88
CA ILE A 99 -8.44 15.08 7.47
C ILE A 99 -8.75 16.37 6.71
N VAL A 100 -8.05 16.57 5.59
CA VAL A 100 -8.27 17.71 4.71
C VAL A 100 -8.38 17.13 3.30
N GLU A 101 -9.62 16.90 2.84
CA GLU A 101 -9.86 16.25 1.56
C GLU A 101 -9.77 17.21 0.38
N SER A 102 -9.46 18.48 0.60
CA SER A 102 -9.28 19.44 -0.48
C SER A 102 -7.80 19.61 -0.77
N GLY A 103 -7.51 20.03 -2.00
CA GLY A 103 -6.14 20.16 -2.46
C GLY A 103 -5.51 21.47 -2.03
N ASP A 104 -5.96 22.01 -0.90
CA ASP A 104 -5.42 23.25 -0.33
C ASP A 104 -5.07 22.99 1.13
N PRO A 105 -3.89 22.43 1.38
CA PRO A 105 -3.50 22.15 2.78
C PRO A 105 -2.77 23.34 3.39
N ASN A 106 -3.27 23.84 4.51
CA ASN A 106 -2.64 24.98 5.16
C ASN A 106 -1.17 24.69 5.44
N ALA A 107 -0.34 25.71 5.30
CA ALA A 107 1.10 25.49 5.24
C ALA A 107 1.64 24.93 6.56
N LEU A 108 0.99 25.24 7.68
CA LEU A 108 1.44 24.78 8.98
C LEU A 108 1.09 23.32 9.25
N LEU A 109 0.41 22.65 8.32
CA LEU A 109 0.08 21.25 8.49
C LEU A 109 1.24 20.37 8.04
N LYS A 110 1.46 19.28 8.77
CA LYS A 110 2.43 18.27 8.39
C LYS A 110 1.73 16.96 8.07
N HIS A 111 2.22 16.28 7.03
CA HIS A 111 1.67 14.98 6.67
C HIS A 111 1.76 14.03 7.84
N ARG A 112 0.68 13.25 8.04
CA ARG A 112 0.66 12.29 9.14
C ARG A 112 1.52 11.07 8.87
N PHE A 113 1.63 10.66 7.60
CA PHE A 113 2.31 9.43 7.24
C PHE A 113 3.55 9.72 6.42
N GLU A 114 4.62 9.00 6.73
CA GLU A 114 5.76 8.91 5.83
C GLU A 114 5.58 7.67 4.95
N ILE A 115 5.84 7.82 3.66
CA ILE A 115 5.65 6.74 2.71
C ILE A 115 7.01 6.15 2.38
N ILE A 116 7.13 4.84 2.57
CA ILE A 116 8.37 4.12 2.32
C ILE A 116 8.32 3.30 1.04
N GLU A 117 7.18 2.64 0.78
CA GLU A 117 6.99 1.92 -0.47
C GLU A 117 7.07 2.90 -1.64
N GLY A 118 7.59 2.41 -2.77
CA GLY A 118 7.77 3.20 -3.96
C GLY A 118 9.16 3.80 -4.12
N ARG A 119 9.91 3.92 -3.04
CA ARG A 119 11.28 4.41 -3.11
C ARG A 119 12.23 3.27 -3.45
N ASP A 120 13.38 3.61 -4.04
CA ASP A 120 14.41 2.61 -4.28
C ASP A 120 14.99 2.16 -2.94
N ARG A 121 15.77 1.06 -2.97
CA ARG A 121 16.30 0.50 -1.74
C ARG A 121 17.04 1.55 -0.92
N ILE A 122 17.92 2.30 -1.57
CA ILE A 122 18.79 3.21 -0.82
C ILE A 122 17.96 4.31 -0.17
N MET A 123 17.03 4.90 -0.91
CA MET A 123 16.23 5.99 -0.35
C MET A 123 15.26 5.46 0.70
N ALA A 124 14.73 4.26 0.52
CA ALA A 124 13.80 3.70 1.50
C ALA A 124 14.48 3.50 2.83
N TRP A 125 15.68 2.90 2.83
CA TRP A 125 16.40 2.69 4.08
C TRP A 125 16.94 3.99 4.65
N THR A 126 17.23 4.98 3.80
CA THR A 126 17.60 6.29 4.30
C THR A 126 16.46 6.91 5.09
N VAL A 127 15.24 6.84 4.56
CA VAL A 127 14.08 7.35 5.27
C VAL A 127 13.85 6.58 6.56
N VAL A 128 13.94 5.25 6.51
CA VAL A 128 13.73 4.44 7.70
C VAL A 128 14.73 4.82 8.78
N ASN A 129 16.02 4.82 8.45
CA ASN A 129 17.03 5.13 9.45
C ASN A 129 16.82 6.51 10.04
N SER A 130 16.41 7.48 9.22
CA SER A 130 16.13 8.82 9.72
C SER A 130 15.03 8.79 10.77
N ILE A 131 13.94 8.08 10.48
CA ILE A 131 12.82 8.00 11.41
C ILE A 131 13.27 7.34 12.71
N CYS A 132 13.99 6.22 12.61
CA CYS A 132 14.36 5.46 13.79
C CYS A 132 15.28 6.27 14.69
N ASN A 133 16.38 6.78 14.14
CA ASN A 133 17.32 7.56 14.94
C ASN A 133 16.68 8.80 15.52
N THR A 134 15.55 9.25 14.98
CA THR A 134 14.86 10.44 15.48
C THR A 134 13.88 10.09 16.59
N THR A 135 13.03 9.08 16.37
CA THR A 135 11.96 8.75 17.30
C THR A 135 12.36 7.72 18.34
N GLY A 136 13.48 7.03 18.16
CA GLY A 136 13.83 5.91 19.01
C GLY A 136 13.16 4.61 18.64
N VAL A 137 12.17 4.61 17.77
CA VAL A 137 11.56 3.38 17.29
C VAL A 137 12.64 2.49 16.70
N GLU A 138 12.76 1.27 17.21
CA GLU A 138 13.81 0.37 16.75
C GLU A 138 13.67 0.14 15.25
N LYS A 139 14.81 -0.08 14.60
CA LYS A 139 14.83 -0.27 13.16
C LYS A 139 14.16 -1.58 12.78
N PRO A 140 13.22 -1.58 11.84
CA PRO A 140 12.70 -2.85 11.33
C PRO A 140 13.77 -3.58 10.51
N LYS A 141 13.57 -4.88 10.37
CA LYS A 141 14.52 -5.70 9.62
C LYS A 141 14.10 -5.94 8.18
N PHE A 142 12.83 -5.67 7.85
CA PHE A 142 12.37 -5.60 6.48
C PHE A 142 11.76 -4.23 6.25
N LEU A 143 11.83 -3.76 5.01
CA LEU A 143 11.29 -2.45 4.69
C LEU A 143 9.77 -2.44 4.90
N PRO A 144 9.23 -1.58 5.77
CA PRO A 144 7.77 -1.47 5.85
C PRO A 144 7.24 -0.56 4.75
N ASP A 145 5.95 -0.24 4.80
CA ASP A 145 5.31 0.57 3.77
C ASP A 145 5.08 2.01 4.18
N LEU A 146 4.80 2.26 5.46
CA LEU A 146 4.48 3.60 5.93
C LEU A 146 5.03 3.74 7.34
N TYR A 147 5.11 5.00 7.79
CA TYR A 147 5.32 5.31 9.21
C TYR A 147 4.23 6.28 9.63
N ASP A 148 3.61 5.99 10.77
CA ASP A 148 2.51 6.80 11.30
C ASP A 148 3.06 7.68 12.42
N TYR A 149 3.11 8.99 12.18
CA TYR A 149 3.60 9.92 13.20
C TYR A 149 2.59 10.11 14.33
N LYS A 150 1.31 9.80 14.10
CA LYS A 150 0.33 9.87 15.17
C LYS A 150 0.49 8.69 16.13
N GLU A 151 0.43 7.47 15.60
CA GLU A 151 0.55 6.27 16.42
C GLU A 151 2.01 5.92 16.71
N ASN A 152 2.96 6.59 16.06
CA ASN A 152 4.40 6.37 16.28
C ASN A 152 4.78 4.91 16.01
N ARG A 153 4.51 4.45 14.80
CA ARG A 153 4.80 3.08 14.44
C ARG A 153 4.83 2.93 12.93
N PHE A 154 5.64 1.98 12.46
CA PHE A 154 5.65 1.62 11.06
C PHE A 154 4.43 0.76 10.75
N ILE A 155 4.04 0.77 9.47
CA ILE A 155 2.89 0.02 9.01
C ILE A 155 3.31 -0.83 7.83
N GLU A 156 2.88 -2.09 7.83
CA GLU A 156 3.00 -2.98 6.68
C GLU A 156 1.61 -3.16 6.07
N ILE A 157 1.44 -2.68 4.84
CA ILE A 157 0.19 -2.77 4.11
C ILE A 157 0.17 -4.07 3.32
N GLY A 158 -0.96 -4.76 3.32
CA GLY A 158 -1.12 -5.97 2.55
C GLY A 158 -2.37 -5.94 1.71
N VAL A 159 -2.24 -6.37 0.46
CA VAL A 159 -3.37 -6.49 -0.47
C VAL A 159 -3.34 -7.91 -1.01
N THR A 160 -4.33 -8.72 -0.64
CA THR A 160 -4.33 -10.15 -0.94
C THR A 160 -5.49 -10.51 -1.83
N ARG A 161 -5.23 -11.40 -2.79
CA ARG A 161 -6.28 -12.06 -3.55
C ARG A 161 -6.82 -13.31 -2.86
N ARG A 162 -6.44 -13.56 -1.61
CA ARG A 162 -6.92 -14.71 -0.85
C ARG A 162 -7.50 -14.25 0.49
N GLU A 163 -7.83 -15.19 1.36
CA GLU A 163 -8.36 -14.83 2.67
C GLU A 163 -7.41 -13.90 3.41
N VAL A 164 -7.96 -12.83 4.00
CA VAL A 164 -7.15 -11.90 4.78
C VAL A 164 -6.46 -12.61 5.94
N HIS A 165 -7.15 -13.55 6.57
CA HIS A 165 -6.58 -14.21 7.74
C HIS A 165 -5.33 -14.99 7.38
N ILE A 166 -5.39 -15.76 6.29
CA ILE A 166 -4.21 -16.51 5.84
C ILE A 166 -3.06 -15.56 5.54
N TYR A 167 -3.35 -14.47 4.82
CA TYR A 167 -2.30 -13.54 4.42
C TYR A 167 -1.73 -12.78 5.61
N TYR A 168 -2.56 -12.47 6.60
CA TYR A 168 -2.05 -11.78 7.80
C TYR A 168 -0.98 -12.63 8.48
N LEU A 169 -1.26 -13.90 8.72
CA LEU A 169 -0.30 -14.75 9.41
C LEU A 169 1.01 -14.86 8.62
N GLU A 170 0.91 -14.92 7.30
CA GLU A 170 2.12 -14.92 6.47
C GLU A 170 2.96 -13.69 6.75
N LYS A 171 2.36 -12.50 6.64
CA LYS A 171 3.08 -11.27 6.92
C LYS A 171 3.66 -11.29 8.33
N ALA A 172 2.85 -11.66 9.32
CA ALA A 172 3.31 -11.63 10.71
C ALA A 172 4.53 -12.52 10.91
N ASN A 173 4.56 -13.67 10.24
CA ASN A 173 5.68 -14.59 10.40
C ASN A 173 7.00 -13.98 9.96
N LYS A 174 6.97 -12.93 9.13
CA LYS A 174 8.17 -12.19 8.76
C LYS A 174 8.49 -11.07 9.73
N ILE A 175 7.63 -10.82 10.72
CA ILE A 175 7.82 -9.74 11.67
C ILE A 175 7.65 -10.36 13.06
N LYS A 176 8.75 -10.85 13.63
CA LYS A 176 8.77 -11.25 15.03
C LYS A 176 9.07 -10.09 15.96
N SER A 177 9.00 -8.85 15.45
CA SER A 177 9.25 -7.68 16.27
C SER A 177 8.05 -7.30 17.12
N GLU A 178 6.85 -7.37 16.53
CA GLU A 178 5.56 -7.01 17.13
C GLU A 178 5.33 -5.50 17.09
N LYS A 179 6.33 -4.69 16.76
CA LYS A 179 6.16 -3.24 16.76
C LYS A 179 5.56 -2.72 15.47
N THR A 180 5.87 -3.35 14.33
CA THR A 180 5.31 -2.93 13.06
C THR A 180 3.85 -3.35 12.97
N HIS A 181 2.97 -2.37 12.74
CA HIS A 181 1.54 -2.64 12.63
C HIS A 181 1.21 -3.18 11.25
N ILE A 182 0.32 -4.17 11.20
CA ILE A 182 -0.07 -4.82 9.95
C ILE A 182 -1.52 -4.47 9.65
N HIS A 183 -1.82 -4.16 8.39
CA HIS A 183 -3.18 -3.87 7.96
C HIS A 183 -3.37 -4.46 6.57
N ILE A 184 -4.27 -5.45 6.48
CA ILE A 184 -4.48 -6.23 5.27
C ILE A 184 -5.80 -5.83 4.64
N PHE A 185 -5.80 -5.68 3.31
CA PHE A 185 -7.01 -5.46 2.52
C PHE A 185 -7.17 -6.59 1.53
N SER A 186 -8.42 -6.92 1.22
CA SER A 186 -8.75 -7.86 0.17
C SER A 186 -9.55 -7.14 -0.90
N PHE A 187 -9.69 -7.80 -2.05
CA PHE A 187 -10.47 -7.25 -3.14
C PHE A 187 -11.98 -7.43 -2.94
N THR A 188 -12.41 -8.08 -1.85
CA THR A 188 -13.82 -8.31 -1.59
C THR A 188 -14.30 -7.59 -0.33
N GLY A 189 -13.46 -6.74 0.28
CA GLY A 189 -13.90 -5.87 1.35
C GLY A 189 -13.48 -6.27 2.74
N GLU A 190 -12.90 -7.47 2.92
CA GLU A 190 -12.45 -7.89 4.24
C GLU A 190 -11.17 -7.17 4.62
N GLU A 191 -11.01 -6.96 5.93
CA GLU A 191 -9.81 -6.36 6.49
C GLU A 191 -9.35 -7.18 7.69
N MET A 192 -8.04 -7.12 7.95
CA MET A 192 -7.50 -7.61 9.21
C MET A 192 -6.33 -6.73 9.60
N ALA A 193 -6.35 -6.25 10.85
CA ALA A 193 -5.32 -5.37 11.35
C ALA A 193 -4.86 -5.85 12.72
N THR A 194 -3.60 -5.56 13.04
CA THR A 194 -3.02 -6.00 14.30
C THR A 194 -3.85 -5.49 15.48
N LYS A 195 -4.17 -6.40 16.40
CA LYS A 195 -4.88 -6.05 17.64
C LYS A 195 -6.21 -5.37 17.35
N ALA A 196 -6.83 -5.68 16.21
CA ALA A 196 -8.11 -5.08 15.83
C ALA A 196 -8.03 -3.55 15.83
N ASP A 197 -6.83 -3.01 15.62
CA ASP A 197 -6.58 -1.58 15.55
C ASP A 197 -6.40 -1.21 14.09
N TYR A 198 -7.38 -0.47 13.53
CA TYR A 198 -7.43 -0.22 12.10
C TYR A 198 -6.97 1.18 11.71
N THR A 199 -6.47 1.97 12.67
CA THR A 199 -5.78 3.22 12.39
C THR A 199 -6.68 4.30 11.81
N LEU A 200 -7.27 4.05 10.64
CA LEU A 200 -8.03 5.06 9.93
C LEU A 200 -9.53 4.93 10.20
N ASP A 201 -10.24 6.01 9.93
CA ASP A 201 -11.70 6.05 10.00
C ASP A 201 -12.31 5.16 8.91
N GLU A 202 -13.63 4.97 9.01
CA GLU A 202 -14.31 4.07 8.08
C GLU A 202 -14.33 4.65 6.67
N GLU A 203 -14.50 5.97 6.54
CA GLU A 203 -14.61 6.56 5.21
C GLU A 203 -13.30 6.44 4.43
N SER A 204 -12.16 6.64 5.10
CA SER A 204 -10.88 6.49 4.43
C SER A 204 -10.70 5.06 3.92
N ARG A 205 -10.97 4.07 4.78
CA ARG A 205 -10.82 2.69 4.37
C ARG A 205 -11.87 2.28 3.35
N ALA A 206 -13.04 2.96 3.36
CA ALA A 206 -14.05 2.67 2.36
C ALA A 206 -13.60 3.13 0.97
N ARG A 207 -12.86 4.24 0.90
CA ARG A 207 -12.32 4.69 -0.38
C ARG A 207 -11.39 3.63 -0.96
N ILE A 208 -10.50 3.08 -0.13
CA ILE A 208 -9.57 2.04 -0.58
C ILE A 208 -10.34 0.83 -1.08
N LYS A 209 -11.31 0.35 -0.28
CA LYS A 209 -12.05 -0.84 -0.67
C LYS A 209 -12.86 -0.59 -1.94
N THR A 210 -13.41 0.60 -2.11
CA THR A 210 -14.12 0.93 -3.34
C THR A 210 -13.19 0.89 -4.54
N ARG A 211 -11.97 1.39 -4.37
CA ARG A 211 -10.99 1.34 -5.46
C ARG A 211 -10.63 -0.09 -5.80
N LEU A 212 -10.42 -0.93 -4.80
CA LEU A 212 -10.09 -2.33 -5.06
C LEU A 212 -11.22 -3.05 -5.76
N PHE A 213 -12.48 -2.71 -5.43
CA PHE A 213 -13.60 -3.29 -6.14
C PHE A 213 -13.61 -2.85 -7.59
N THR A 214 -13.35 -1.57 -7.84
CA THR A 214 -13.30 -1.08 -9.22
C THR A 214 -12.23 -1.81 -10.02
N ILE A 215 -11.06 -2.05 -9.41
CA ILE A 215 -9.99 -2.75 -10.09
C ILE A 215 -10.43 -4.16 -10.46
N ARG A 216 -10.97 -4.90 -9.48
CA ARG A 216 -11.44 -6.26 -9.73
C ARG A 216 -12.48 -6.28 -10.84
N GLN A 217 -13.45 -5.37 -10.79
CA GLN A 217 -14.53 -5.38 -11.79
C GLN A 217 -13.99 -5.06 -13.18
N GLU A 218 -13.07 -4.10 -13.29
CA GLU A 218 -12.52 -3.78 -14.60
C GLU A 218 -11.68 -4.92 -15.16
N MET A 219 -10.85 -5.54 -14.31
CA MET A 219 -10.13 -6.73 -14.75
C MET A 219 -11.08 -7.81 -15.25
N ALA A 220 -12.20 -8.00 -14.55
CA ALA A 220 -13.16 -9.01 -14.96
C ALA A 220 -13.78 -8.68 -16.31
N SER A 221 -14.12 -7.41 -16.54
CA SER A 221 -14.67 -7.02 -17.83
C SER A 221 -13.70 -7.30 -18.96
N ARG A 222 -12.40 -7.31 -18.67
CA ARG A 222 -11.38 -7.62 -19.65
C ARG A 222 -10.92 -9.08 -19.58
N SER A 223 -11.60 -9.90 -18.78
CA SER A 223 -11.25 -11.32 -18.64
C SER A 223 -9.82 -11.50 -18.15
N LEU A 224 -9.39 -10.63 -17.24
CA LEU A 224 -8.07 -10.71 -16.63
C LEU A 224 -8.10 -11.15 -15.17
N TRP A 225 -9.28 -11.15 -14.53
CA TRP A 225 -9.35 -11.33 -13.09
C TRP A 225 -8.99 -12.75 -12.68
N ASP A 226 -9.57 -13.74 -13.36
CA ASP A 226 -9.33 -15.14 -12.99
C ASP A 226 -7.85 -15.45 -12.87
N SER A 227 -7.08 -15.13 -13.92
CA SER A 227 -5.65 -15.39 -13.89
C SER A 227 -4.95 -14.56 -12.81
N PHE A 228 -5.32 -13.28 -12.71
CA PHE A 228 -4.69 -12.41 -11.73
C PHE A 228 -4.89 -12.94 -10.31
N ARG A 229 -6.13 -13.37 -9.99
CA ARG A 229 -6.41 -13.88 -8.65
C ARG A 229 -5.60 -15.14 -8.36
N GLN A 230 -5.59 -16.08 -9.30
CA GLN A 230 -4.94 -17.37 -9.07
C GLN A 230 -3.42 -17.27 -9.07
N SER A 231 -2.83 -16.15 -9.51
CA SER A 231 -1.39 -16.04 -9.61
C SER A 231 -0.71 -15.67 -8.30
N GLU A 232 -1.47 -15.34 -7.25
CA GLU A 232 -0.86 -15.04 -5.96
C GLU A 232 -0.36 -16.32 -5.31
N ARG A 233 0.85 -16.27 -4.77
CA ARG A 233 1.47 -17.42 -4.13
C ARG A 233 1.99 -17.01 -2.76
N GLY A 234 2.15 -18.02 -1.89
CA GLY A 234 2.63 -17.78 -0.54
C GLY A 234 2.50 -19.00 0.35
#